data_2GHH
#
_entry.id   2GHH
#
_cell.length_a   82.692
_cell.length_b   82.692
_cell.length_c   74.772
_cell.angle_alpha   90.00
_cell.angle_beta   90.00
_cell.angle_gamma   90.00
#
_symmetry.space_group_name_H-M   'P 42 21 2'
#
loop_
_entity.id
_entity.type
_entity.pdbx_description
1 polymer 'cytosolic ascorbate peroxidase 1'
2 non-polymer 'POTASSIUM ION'
3 non-polymer 'PROTOPORPHYRIN IX CONTAINING FE'
4 non-polymer 'NITRIC OXIDE'
5 water water
#
_entity_poly.entity_id   1
_entity_poly.type   'polypeptide(L)'
_entity_poly.pdbx_seq_one_letter_code
;MRGSHHHHHHGSGKSYPTVSADYQKAVEKAKKKLRGFIAEKRCAPLMLRLAWHSAGTFDKGTKTGGPFGTIKHPAELAHS
ANNGLDIAVRLLEPLKAEFPILSYADFYQLAGVVAVEVTGGPEVPFHPGREDKPEPPPEGRLPDATKGSDHLRDVFGKAM
GLTDQDIVALSGGHTIGAAHKERSGFEGPWTSNPLIFDNSYFTELLSGEKEGLLQLPSDKALLSDPVFRPLVDKYAADED
AFFADYAEAHQKLSELGFADA
;
_entity_poly.pdbx_strand_id   X
#
loop_
_chem_comp.id
_chem_comp.type
_chem_comp.name
_chem_comp.formula
HEM non-polymer 'PROTOPORPHYRIN IX CONTAINING FE' 'C34 H32 Fe N4 O4'
K non-polymer 'POTASSIUM ION' 'K 1'
NO non-polymer 'NITRIC OXIDE' 'N O'
#
# COMPACT_ATOMS: atom_id res chain seq x y z
N SER A 12 13.47 -16.14 -2.08
CA SER A 12 13.04 -14.90 -1.33
C SER A 12 14.08 -13.78 -1.39
N GLY A 13 15.36 -14.16 -1.31
CA GLY A 13 16.49 -13.21 -1.29
C GLY A 13 16.58 -12.29 -0.08
N LYS A 14 15.93 -12.66 1.04
CA LYS A 14 15.86 -11.82 2.24
C LYS A 14 16.52 -12.39 3.48
N SER A 15 17.22 -11.54 4.19
CA SER A 15 17.78 -11.89 5.45
C SER A 15 17.31 -10.92 6.54
N TYR A 16 16.33 -11.33 7.33
CA TYR A 16 15.69 -10.39 8.25
C TYR A 16 16.49 -10.16 9.52
N PRO A 17 16.65 -8.90 9.90
CA PRO A 17 17.55 -8.66 11.03
C PRO A 17 16.93 -9.20 12.32
N THR A 18 17.78 -9.36 13.32
CA THR A 18 17.37 -9.70 14.64
C THR A 18 16.89 -8.43 15.29
N VAL A 19 15.78 -8.53 16.03
CA VAL A 19 15.35 -7.43 16.90
C VAL A 19 15.12 -8.06 18.26
N SER A 20 15.10 -7.26 19.33
CA SER A 20 15.11 -7.84 20.66
C SER A 20 13.75 -8.37 20.97
N ALA A 21 13.66 -9.21 22.00
CA ALA A 21 12.37 -9.66 22.55
C ALA A 21 11.40 -8.50 22.89
N ASP A 22 11.90 -7.41 23.48
CA ASP A 22 11.02 -6.27 23.79
C ASP A 22 10.49 -5.62 22.54
N TYR A 23 11.31 -5.58 21.48
CA TYR A 23 10.87 -5.02 20.19
C TYR A 23 9.75 -5.90 19.62
N GLN A 24 9.98 -7.20 19.61
N GLN A 24 9.95 -7.22 19.52
CA GLN A 24 9.00 -8.19 19.16
CA GLN A 24 8.82 -8.09 19.04
C GLN A 24 7.67 -8.11 19.91
C GLN A 24 7.58 -8.09 19.91
N LYS A 25 7.73 -7.94 21.23
CA LYS A 25 6.53 -7.72 22.08
C LYS A 25 5.77 -6.44 21.68
N ALA A 26 6.51 -5.35 21.46
CA ALA A 26 5.90 -4.09 21.02
C ALA A 26 5.16 -4.19 19.66
N VAL A 27 5.75 -4.92 18.71
CA VAL A 27 5.10 -5.24 17.42
C VAL A 27 3.74 -5.90 17.63
N GLU A 28 3.69 -6.92 18.49
CA GLU A 28 2.47 -7.66 18.69
C GLU A 28 1.43 -6.84 19.38
N LYS A 29 1.88 -6.06 20.37
CA LYS A 29 1.00 -5.10 21.03
C LYS A 29 0.54 -3.95 20.11
N ALA A 30 1.42 -3.41 19.31
CA ALA A 30 1.02 -2.41 18.32
C ALA A 30 0.04 -2.93 17.24
N LYS A 31 0.24 -4.16 16.78
CA LYS A 31 -0.66 -4.80 15.79
C LYS A 31 -2.12 -4.83 16.29
N LYS A 32 -2.32 -5.29 17.52
CA LYS A 32 -3.64 -5.26 18.18
C LYS A 32 -4.23 -3.86 18.42
N LYS A 33 -3.44 -2.93 18.95
CA LYS A 33 -3.90 -1.53 19.02
C LYS A 33 -4.27 -0.91 17.67
N LEU A 34 -3.47 -1.19 16.65
CA LEU A 34 -3.79 -0.72 15.31
C LEU A 34 -5.07 -1.31 14.73
N ARG A 35 -5.33 -2.60 14.98
CA ARG A 35 -6.64 -3.17 14.57
C ARG A 35 -7.85 -2.39 15.11
N GLY A 36 -7.92 -2.25 16.44
CA GLY A 36 -9.06 -1.56 17.05
C GLY A 36 -9.20 -0.16 16.53
N PHE A 37 -8.11 0.57 16.54
CA PHE A 37 -8.08 1.97 16.08
C PHE A 37 -8.50 2.15 14.62
N ILE A 38 -7.87 1.41 13.72
CA ILE A 38 -8.14 1.51 12.31
C ILE A 38 -9.60 1.05 12.01
N ALA A 39 -10.04 -0.03 12.65
CA ALA A 39 -11.44 -0.43 12.51
C ALA A 39 -12.41 0.66 12.98
N GLU A 40 -12.12 1.28 14.12
CA GLU A 40 -13.08 2.22 14.69
C GLU A 40 -13.11 3.50 13.87
N LYS A 41 -11.94 3.97 13.45
CA LYS A 41 -11.79 5.24 12.72
CA LYS A 41 -11.87 5.23 12.74
C LYS A 41 -12.21 5.10 11.27
N ARG A 42 -12.35 3.87 10.80
CA ARG A 42 -12.83 3.59 9.41
C ARG A 42 -11.85 4.09 8.38
N CYS A 43 -10.58 4.03 8.73
CA CYS A 43 -9.56 4.69 7.94
C CYS A 43 -8.60 3.70 7.31
N ALA A 44 -8.99 2.44 7.20
CA ALA A 44 -8.14 1.44 6.57
C ALA A 44 -7.58 1.85 5.18
N PRO A 45 -8.45 2.34 4.25
CA PRO A 45 -7.94 2.64 2.92
C PRO A 45 -6.85 3.68 2.98
N LEU A 46 -7.09 4.73 3.76
CA LEU A 46 -6.05 5.76 3.99
C LEU A 46 -4.73 5.24 4.55
N MET A 47 -4.80 4.28 5.48
CA MET A 47 -3.62 3.70 6.05
C MET A 47 -2.90 2.82 5.04
N LEU A 48 -3.66 2.09 4.23
CA LEU A 48 -3.11 1.29 3.14
C LEU A 48 -2.38 2.19 2.12
N ARG A 49 -3.06 3.25 1.69
CA ARG A 49 -2.46 4.29 0.84
C ARG A 49 -1.17 4.87 1.46
N LEU A 50 -1.18 5.10 2.77
CA LEU A 50 0.01 5.60 3.45
C LEU A 50 1.21 4.63 3.35
N ALA A 51 1.00 3.36 3.68
CA ALA A 51 2.06 2.34 3.58
C ALA A 51 2.56 2.14 2.12
N TRP A 52 1.62 2.20 1.18
CA TRP A 52 1.94 2.00 -0.25
C TRP A 52 2.75 3.19 -0.80
N HIS A 53 2.39 4.40 -0.41
CA HIS A 53 3.11 5.56 -0.88
C HIS A 53 4.44 5.73 -0.21
N SER A 54 4.51 5.29 1.05
CA SER A 54 5.79 5.24 1.75
C SER A 54 6.76 4.21 1.07
N ALA A 55 6.23 3.07 0.69
CA ALA A 55 7.09 1.99 0.17
C ALA A 55 7.42 2.16 -1.33
N GLY A 56 6.51 2.78 -2.08
CA GLY A 56 6.61 2.85 -3.55
C GLY A 56 7.56 3.88 -4.13
N THR A 57 8.37 4.49 -3.27
CA THR A 57 9.39 5.42 -3.73
C THR A 57 10.73 4.71 -3.88
N PHE A 58 10.74 3.39 -3.64
CA PHE A 58 11.99 2.66 -3.74
C PHE A 58 12.46 2.61 -5.17
N ASP A 59 13.76 2.92 -5.36
CA ASP A 59 14.38 2.77 -6.67
C ASP A 59 15.54 1.80 -6.56
N LYS A 60 15.41 0.66 -7.24
CA LYS A 60 16.36 -0.47 -7.04
C LYS A 60 17.81 -0.17 -7.48
N GLY A 61 17.95 0.63 -8.55
CA GLY A 61 19.26 0.93 -9.13
C GLY A 61 20.13 1.81 -8.23
N THR A 62 19.47 2.66 -7.43
CA THR A 62 20.16 3.57 -6.51
C THR A 62 19.97 3.13 -5.04
N LYS A 63 19.02 2.22 -4.81
CA LYS A 63 18.64 1.77 -3.44
C LYS A 63 18.22 2.97 -2.55
N THR A 64 17.56 3.93 -3.18
CA THR A 64 17.02 5.06 -2.45
C THR A 64 15.51 4.89 -2.33
N GLY A 65 14.90 5.66 -1.46
CA GLY A 65 13.47 5.55 -1.25
C GLY A 65 13.11 4.26 -0.55
N GLY A 66 11.82 3.95 -0.54
CA GLY A 66 11.38 2.78 0.18
C GLY A 66 10.78 3.09 1.55
N PRO A 67 10.25 2.03 2.18
CA PRO A 67 9.49 2.08 3.41
C PRO A 67 10.41 2.32 4.59
N PHE A 68 11.01 3.50 4.68
CA PHE A 68 11.93 3.80 5.76
C PHE A 68 11.52 5.04 6.60
N GLY A 69 10.21 5.25 6.73
CA GLY A 69 9.67 6.25 7.67
C GLY A 69 9.78 7.73 7.30
N THR A 70 10.15 8.03 6.05
CA THR A 70 10.38 9.41 5.62
C THR A 70 9.07 10.10 5.20
N ILE A 71 8.07 9.28 4.85
CA ILE A 71 6.72 9.78 4.59
C ILE A 71 6.14 10.71 5.68
N LYS A 72 6.57 10.58 6.94
CA LYS A 72 6.11 11.52 7.99
C LYS A 72 6.73 12.94 7.90
N HIS A 73 7.82 13.06 7.14
CA HIS A 73 8.44 14.35 6.88
C HIS A 73 7.48 15.27 6.10
N PRO A 74 7.21 16.50 6.65
CA PRO A 74 6.38 17.48 5.95
C PRO A 74 6.78 17.64 4.47
N ALA A 75 8.08 17.49 4.20
CA ALA A 75 8.64 17.55 2.85
C ALA A 75 8.09 16.49 1.89
N GLU A 76 7.98 15.25 2.37
CA GLU A 76 7.44 14.16 1.53
C GLU A 76 5.89 14.18 1.46
N LEU A 77 5.25 14.65 2.53
CA LEU A 77 3.80 14.80 2.59
C LEU A 77 3.29 15.87 1.62
N ALA A 78 4.15 16.85 1.36
CA ALA A 78 3.91 17.92 0.40
C ALA A 78 3.88 17.43 -1.07
N HIS A 79 4.52 16.29 -1.36
CA HIS A 79 4.44 15.74 -2.71
C HIS A 79 2.99 15.63 -3.08
N SER A 80 2.65 16.11 -4.29
CA SER A 80 1.24 16.20 -4.72
C SER A 80 0.56 14.82 -4.77
N ALA A 81 1.33 13.77 -5.05
CA ALA A 81 0.81 12.41 -5.00
C ALA A 81 0.39 11.97 -3.59
N ASN A 82 0.84 12.71 -2.58
CA ASN A 82 0.57 12.39 -1.18
C ASN A 82 -0.44 13.32 -0.53
N ASN A 83 -1.14 14.09 -1.37
CA ASN A 83 -2.20 14.97 -0.90
C ASN A 83 -3.10 14.15 0.02
N GLY A 84 -3.29 14.64 1.23
CA GLY A 84 -4.21 13.98 2.18
C GLY A 84 -3.59 13.00 3.17
N LEU A 85 -2.37 12.56 2.90
CA LEU A 85 -1.70 11.61 3.76
C LEU A 85 -1.22 12.25 5.07
N ASP A 86 -1.18 13.58 5.14
CA ASP A 86 -0.87 14.26 6.42
C ASP A 86 -1.93 13.94 7.50
N ILE A 87 -3.16 13.70 7.06
CA ILE A 87 -4.25 13.18 7.87
C ILE A 87 -3.88 11.83 8.51
N ALA A 88 -3.45 10.87 7.68
CA ALA A 88 -3.04 9.54 8.16
C ALA A 88 -1.94 9.62 9.21
N VAL A 89 -0.90 10.39 8.90
CA VAL A 89 0.23 10.57 9.81
C VAL A 89 -0.24 11.12 11.17
N ARG A 90 -1.09 12.14 11.08
CA ARG A 90 -1.62 12.83 12.26
C ARG A 90 -2.44 11.88 13.13
N LEU A 91 -3.34 11.11 12.49
CA LEU A 91 -4.12 10.06 13.15
C LEU A 91 -3.28 9.03 13.88
N LEU A 92 -2.10 8.71 13.34
CA LEU A 92 -1.29 7.66 13.92
C LEU A 92 -0.34 8.14 15.01
N GLU A 93 -0.07 9.45 15.06
CA GLU A 93 0.94 9.92 15.98
C GLU A 93 0.67 9.57 17.46
N PRO A 94 -0.55 9.74 17.98
CA PRO A 94 -0.72 9.36 19.40
C PRO A 94 -0.45 7.86 19.71
N LEU A 95 -0.89 6.98 18.79
CA LEU A 95 -0.67 5.56 18.98
CA LEU A 95 -0.66 5.55 18.94
C LEU A 95 0.82 5.21 18.92
N LYS A 96 1.53 5.79 17.93
CA LYS A 96 2.99 5.60 17.77
C LYS A 96 3.71 5.98 19.03
N ALA A 97 3.31 7.11 19.62
CA ALA A 97 3.90 7.55 20.89
C ALA A 97 3.83 6.50 22.03
N GLU A 98 2.84 5.59 21.98
CA GLU A 98 2.75 4.47 22.95
C GLU A 98 3.75 3.33 22.68
N PHE A 99 4.38 3.35 21.50
CA PHE A 99 5.38 2.35 21.08
C PHE A 99 6.69 3.05 20.64
N PRO A 100 7.39 3.71 21.59
CA PRO A 100 8.60 4.44 21.22
C PRO A 100 9.75 3.57 20.72
N ILE A 101 9.74 2.27 21.04
CA ILE A 101 10.78 1.34 20.60
C ILE A 101 10.72 1.03 19.09
N LEU A 102 9.53 1.15 18.48
CA LEU A 102 9.35 0.77 17.09
C LEU A 102 9.79 1.88 16.17
N SER A 103 10.42 1.54 15.05
CA SER A 103 10.74 2.53 14.05
C SER A 103 9.39 2.95 13.45
N TYR A 104 9.28 4.21 13.04
CA TYR A 104 8.14 4.63 12.21
C TYR A 104 7.98 3.76 10.97
N ALA A 105 9.09 3.39 10.34
CA ALA A 105 9.03 2.51 9.15
C ALA A 105 8.25 1.27 9.48
N ASP A 106 8.59 0.61 10.58
CA ASP A 106 7.88 -0.62 11.02
C ASP A 106 6.41 -0.29 11.33
N PHE A 107 6.19 0.84 11.99
CA PHE A 107 4.85 1.14 12.45
C PHE A 107 3.87 1.34 11.29
N TYR A 108 4.29 2.16 10.31
CA TYR A 108 3.45 2.45 9.15
C TYR A 108 3.28 1.23 8.27
N GLN A 109 4.33 0.46 8.05
CA GLN A 109 4.15 -0.82 7.33
C GLN A 109 3.21 -1.79 8.04
N LEU A 110 3.29 -1.86 9.36
CA LEU A 110 2.42 -2.73 10.15
C LEU A 110 0.99 -2.23 10.05
N ALA A 111 0.81 -0.91 10.11
CA ALA A 111 -0.53 -0.30 9.89
C ALA A 111 -1.11 -0.66 8.50
N GLY A 112 -0.25 -0.70 7.49
CA GLY A 112 -0.71 -1.17 6.19
C GLY A 112 -1.18 -2.62 6.14
N VAL A 113 -0.40 -3.50 6.75
CA VAL A 113 -0.77 -4.89 6.94
C VAL A 113 -2.12 -5.00 7.67
N VAL A 114 -2.27 -4.20 8.74
CA VAL A 114 -3.48 -4.26 9.55
C VAL A 114 -4.70 -3.79 8.76
N ALA A 115 -4.53 -2.71 8.00
CA ALA A 115 -5.57 -2.18 7.13
C ALA A 115 -6.17 -3.25 6.20
N VAL A 116 -5.30 -4.06 5.59
CA VAL A 116 -5.75 -5.18 4.78
C VAL A 116 -6.46 -6.21 5.65
N GLU A 117 -5.90 -6.52 6.81
CA GLU A 117 -6.51 -7.60 7.63
C GLU A 117 -7.90 -7.27 8.15
N VAL A 118 -8.05 -6.04 8.68
CA VAL A 118 -9.31 -5.69 9.32
C VAL A 118 -10.43 -5.38 8.37
N THR A 119 -10.11 -5.19 7.10
CA THR A 119 -11.14 -5.05 6.08
C THR A 119 -11.55 -6.40 5.46
N GLY A 120 -10.97 -7.51 5.92
CA GLY A 120 -11.35 -8.82 5.42
C GLY A 120 -10.34 -9.40 4.45
N GLY A 121 -9.16 -8.79 4.37
CA GLY A 121 -8.18 -9.16 3.37
C GLY A 121 -7.28 -10.28 3.78
N PRO A 122 -6.35 -10.64 2.90
CA PRO A 122 -5.40 -11.66 3.29
C PRO A 122 -4.49 -11.22 4.51
N GLU A 123 -3.87 -12.19 5.16
CA GLU A 123 -2.88 -11.97 6.22
C GLU A 123 -1.47 -11.84 5.62
N VAL A 124 -1.02 -10.59 5.44
CA VAL A 124 0.28 -10.31 4.84
C VAL A 124 1.34 -10.50 5.91
N PRO A 125 2.33 -11.39 5.66
CA PRO A 125 3.40 -11.62 6.62
C PRO A 125 4.19 -10.34 6.89
N PHE A 126 4.55 -10.15 8.15
CA PHE A 126 5.29 -8.96 8.59
C PHE A 126 6.58 -9.34 9.30
N HIS A 127 7.67 -8.73 8.87
CA HIS A 127 8.95 -8.85 9.55
C HIS A 127 9.44 -7.48 10.02
N PRO A 128 9.74 -7.35 11.34
CA PRO A 128 10.30 -6.10 11.87
C PRO A 128 11.79 -5.87 11.58
N GLY A 129 12.22 -4.63 11.81
CA GLY A 129 13.63 -4.33 11.64
C GLY A 129 13.99 -3.14 10.75
N ARG A 130 13.00 -2.53 10.11
CA ARG A 130 13.26 -1.34 9.28
C ARG A 130 13.79 -0.23 10.17
N GLU A 131 14.88 0.39 9.73
CA GLU A 131 15.42 1.54 10.46
C GLU A 131 14.97 2.77 9.73
N ASP A 132 14.64 3.80 10.50
CA ASP A 132 14.20 5.08 9.99
C ASP A 132 15.36 5.80 9.30
N LYS A 133 15.13 6.24 8.06
CA LYS A 133 16.15 6.89 7.23
C LYS A 133 16.04 8.42 7.30
N PRO A 134 17.19 9.12 7.19
CA PRO A 134 17.23 10.58 7.43
C PRO A 134 16.58 11.50 6.39
N GLU A 135 16.66 11.16 5.09
CA GLU A 135 16.14 12.03 4.02
CA GLU A 135 16.11 12.03 4.03
C GLU A 135 15.13 11.36 3.07
N PRO A 136 13.97 12.03 2.84
CA PRO A 136 13.01 11.61 1.82
C PRO A 136 13.65 11.41 0.45
N PRO A 137 13.05 10.53 -0.38
CA PRO A 137 13.48 10.46 -1.78
C PRO A 137 12.98 11.68 -2.55
N PRO A 138 13.51 11.89 -3.76
CA PRO A 138 12.97 12.86 -4.71
C PRO A 138 11.46 12.69 -4.92
N GLU A 139 10.74 13.79 -5.13
CA GLU A 139 9.34 13.72 -5.57
C GLU A 139 9.23 13.26 -7.03
N GLY A 140 8.16 12.51 -7.32
CA GLY A 140 7.82 12.13 -8.67
C GLY A 140 7.85 10.64 -9.00
N ARG A 141 8.23 9.79 -8.03
CA ARG A 141 8.39 8.33 -8.27
C ARG A 141 7.07 7.55 -8.25
N LEU A 142 6.07 8.13 -7.60
CA LEU A 142 4.78 7.48 -7.48
C LEU A 142 4.02 7.52 -8.81
N PRO A 143 3.10 6.54 -9.05
CA PRO A 143 2.42 6.51 -10.34
C PRO A 143 1.40 7.60 -10.60
N ASP A 144 1.18 7.80 -11.90
CA ASP A 144 0.35 8.85 -12.44
C ASP A 144 -0.90 8.15 -12.97
N ALA A 145 -2.04 8.48 -12.34
CA ALA A 145 -3.34 7.87 -12.65
C ALA A 145 -3.84 8.10 -14.09
N THR A 146 -3.26 9.07 -14.79
CA THR A 146 -3.70 9.36 -16.16
C THR A 146 -2.92 8.54 -17.19
N LYS A 147 -1.86 7.87 -16.74
CA LYS A 147 -0.98 7.13 -17.65
C LYS A 147 -1.36 5.64 -17.77
N GLY A 148 -0.67 4.91 -18.65
CA GLY A 148 -1.08 3.54 -19.00
C GLY A 148 -0.06 2.48 -18.63
N SER A 149 0.00 1.42 -19.43
CA SER A 149 0.77 0.22 -19.07
C SER A 149 2.28 0.36 -19.10
N ASP A 150 2.81 1.11 -20.06
CA ASP A 150 4.28 1.40 -20.09
C ASP A 150 4.70 2.14 -18.81
N HIS A 151 3.86 3.08 -18.36
CA HIS A 151 4.19 3.84 -17.17
C HIS A 151 4.19 2.94 -15.93
N LEU A 152 3.13 2.18 -15.76
CA LEU A 152 3.07 1.19 -14.69
C LEU A 152 4.34 0.36 -14.67
N ARG A 153 4.77 -0.15 -15.84
CA ARG A 153 6.00 -0.98 -15.89
C ARG A 153 7.25 -0.19 -15.56
N ASP A 154 7.30 1.10 -15.92
CA ASP A 154 8.42 1.97 -15.49
C ASP A 154 8.52 2.11 -13.96
N VAL A 155 7.37 2.31 -13.34
CA VAL A 155 7.30 2.64 -11.92
C VAL A 155 7.49 1.38 -11.06
N PHE A 156 6.60 0.41 -11.23
CA PHE A 156 6.66 -0.80 -10.43
C PHE A 156 7.82 -1.72 -10.78
N GLY A 157 8.14 -1.83 -12.07
CA GLY A 157 9.15 -2.77 -12.56
C GLY A 157 10.55 -2.19 -12.63
N LYS A 158 10.72 -1.16 -13.46
CA LYS A 158 12.02 -0.47 -13.64
C LYS A 158 12.54 0.18 -12.32
N ALA A 159 11.66 0.87 -11.58
CA ALA A 159 12.07 1.42 -10.30
C ALA A 159 11.98 0.41 -9.15
N MET A 160 10.77 -0.03 -8.80
CA MET A 160 10.61 -0.83 -7.58
C MET A 160 11.15 -2.23 -7.69
N GLY A 161 11.15 -2.78 -8.91
CA GLY A 161 11.58 -4.17 -9.19
C GLY A 161 10.51 -5.22 -8.92
N LEU A 162 9.25 -4.84 -9.10
CA LEU A 162 8.13 -5.77 -8.87
C LEU A 162 7.79 -6.42 -10.20
N THR A 163 7.03 -7.51 -10.15
CA THR A 163 6.64 -8.20 -11.39
C THR A 163 5.32 -7.66 -11.94
N ASP A 164 4.97 -8.11 -13.16
CA ASP A 164 3.74 -7.71 -13.83
C ASP A 164 2.52 -8.24 -13.07
N GLN A 165 2.67 -9.46 -12.52
CA GLN A 165 1.65 -10.04 -11.66
C GLN A 165 1.41 -9.14 -10.41
N ASP A 166 2.51 -8.72 -9.76
CA ASP A 166 2.49 -7.77 -8.62
C ASP A 166 1.74 -6.48 -8.90
N ILE A 167 1.98 -5.88 -10.08
CA ILE A 167 1.28 -4.65 -10.51
C ILE A 167 -0.21 -4.91 -10.52
N VAL A 168 -0.64 -6.04 -11.09
CA VAL A 168 -2.08 -6.27 -11.19
C VAL A 168 -2.67 -6.52 -9.78
N ALA A 169 -2.02 -7.34 -8.98
CA ALA A 169 -2.57 -7.69 -7.67
C ALA A 169 -2.59 -6.46 -6.79
N LEU A 170 -1.49 -5.69 -6.75
CA LEU A 170 -1.43 -4.46 -5.96
C LEU A 170 -2.48 -3.40 -6.37
N SER A 171 -2.79 -3.33 -7.67
CA SER A 171 -3.86 -2.46 -8.15
C SER A 171 -5.22 -2.75 -7.47
N GLY A 172 -5.47 -4.02 -7.19
CA GLY A 172 -6.61 -4.45 -6.37
C GLY A 172 -6.66 -3.93 -4.94
N GLY A 173 -5.56 -3.34 -4.48
CA GLY A 173 -5.62 -2.41 -3.35
C GLY A 173 -6.78 -1.44 -3.46
N HIS A 174 -7.18 -1.03 -4.68
CA HIS A 174 -8.36 -0.15 -4.92
C HIS A 174 -9.75 -0.75 -4.63
N THR A 175 -9.76 -2.02 -4.30
CA THR A 175 -10.93 -2.64 -3.75
C THR A 175 -11.41 -1.98 -2.42
N ILE A 176 -10.54 -1.27 -1.71
CA ILE A 176 -11.03 -0.46 -0.61
C ILE A 176 -10.80 1.01 -0.84
N GLY A 177 -11.74 1.84 -0.43
CA GLY A 177 -11.47 3.25 -0.33
C GLY A 177 -11.94 3.95 -1.58
N ALA A 178 -11.46 5.19 -1.72
CA ALA A 178 -12.07 6.11 -2.65
C ALA A 178 -11.08 7.20 -3.04
N ALA A 179 -11.33 7.82 -4.19
CA ALA A 179 -10.68 9.06 -4.56
C ALA A 179 -11.50 10.25 -4.07
N HIS A 180 -10.84 11.42 -3.99
CA HIS A 180 -11.44 12.65 -3.46
C HIS A 180 -11.03 13.80 -4.34
N LYS A 181 -12.03 14.53 -4.84
CA LYS A 181 -11.75 15.58 -5.80
C LYS A 181 -10.85 16.69 -5.22
N GLU A 182 -10.79 16.82 -3.88
CA GLU A 182 -9.86 17.77 -3.22
C GLU A 182 -8.42 17.25 -3.04
N ARG A 183 -8.22 15.94 -3.28
CA ARG A 183 -6.92 15.30 -3.20
C ARG A 183 -6.35 15.07 -4.60
N SER A 184 -6.69 13.98 -5.26
CA SER A 184 -6.16 13.78 -6.62
C SER A 184 -6.96 14.62 -7.65
N GLY A 185 -8.27 14.76 -7.38
CA GLY A 185 -9.24 15.31 -8.33
C GLY A 185 -10.19 14.24 -8.81
N PHE A 186 -9.75 12.98 -8.80
CA PHE A 186 -10.71 11.89 -9.08
C PHE A 186 -11.65 11.79 -7.88
N GLU A 187 -12.78 11.11 -8.05
CA GLU A 187 -13.84 11.17 -7.04
C GLU A 187 -14.67 9.88 -6.95
N GLY A 188 -14.75 9.33 -5.74
CA GLY A 188 -15.61 8.19 -5.53
C GLY A 188 -14.87 6.88 -5.30
N PRO A 189 -15.63 5.83 -4.90
CA PRO A 189 -15.07 4.51 -4.61
C PRO A 189 -15.03 3.64 -5.88
N TRP A 190 -14.09 2.72 -5.90
CA TRP A 190 -13.99 1.75 -6.97
C TRP A 190 -15.04 0.66 -6.84
N THR A 191 -15.52 0.47 -5.61
CA THR A 191 -16.42 -0.65 -5.31
C THR A 191 -17.62 -0.18 -4.50
N SER A 192 -18.66 -1.00 -4.49
CA SER A 192 -19.89 -0.75 -3.75
C SER A 192 -19.68 -0.99 -2.27
N ASN A 193 -18.55 -1.58 -1.90
CA ASN A 193 -18.28 -1.87 -0.49
CA ASN A 193 -18.27 -1.88 -0.50
C ASN A 193 -16.84 -1.44 -0.16
N PRO A 194 -16.62 -0.12 -0.02
CA PRO A 194 -15.26 0.42 0.04
C PRO A 194 -14.48 0.08 1.32
N LEU A 195 -15.14 -0.53 2.32
CA LEU A 195 -14.44 -0.90 3.54
C LEU A 195 -14.30 -2.41 3.62
N ILE A 196 -14.60 -3.09 2.50
CA ILE A 196 -14.51 -4.55 2.44
C ILE A 196 -13.46 -4.93 1.42
N PHE A 197 -12.42 -5.62 1.85
CA PHE A 197 -11.37 -6.10 0.94
C PHE A 197 -11.82 -7.41 0.28
N ASP A 198 -12.05 -7.37 -1.04
CA ASP A 198 -12.38 -8.59 -1.77
C ASP A 198 -12.00 -8.35 -3.23
N ASN A 199 -12.42 -9.21 -4.16
CA ASN A 199 -11.99 -9.13 -5.55
C ASN A 199 -12.88 -8.26 -6.42
N SER A 200 -13.76 -7.49 -5.79
CA SER A 200 -14.74 -6.64 -6.47
C SER A 200 -14.14 -5.60 -7.42
N TYR A 201 -12.96 -5.07 -7.09
CA TYR A 201 -12.26 -4.14 -7.96
C TYR A 201 -12.16 -4.69 -9.37
N PHE A 202 -11.80 -5.98 -9.47
CA PHE A 202 -11.60 -6.64 -10.77
C PHE A 202 -12.92 -6.91 -11.52
N THR A 203 -13.95 -7.35 -10.76
CA THR A 203 -15.35 -7.45 -11.23
C THR A 203 -15.87 -6.17 -11.87
N GLU A 204 -15.68 -5.04 -11.17
CA GLU A 204 -16.21 -3.75 -11.60
C GLU A 204 -15.45 -3.24 -12.80
N LEU A 205 -14.13 -3.45 -12.78
CA LEU A 205 -13.27 -3.02 -13.88
C LEU A 205 -13.67 -3.73 -15.16
N LEU A 206 -13.99 -5.02 -15.07
CA LEU A 206 -14.41 -5.81 -16.22
C LEU A 206 -15.81 -5.47 -16.72
N SER A 207 -16.73 -5.16 -15.79
CA SER A 207 -18.12 -4.88 -16.15
C SER A 207 -18.28 -3.48 -16.73
N GLY A 208 -17.17 -2.76 -16.87
CA GLY A 208 -17.22 -1.40 -17.38
C GLY A 208 -17.80 -0.44 -16.38
N GLU A 209 -18.16 0.75 -16.87
CA GLU A 209 -18.59 1.83 -16.01
C GLU A 209 -19.99 1.62 -15.40
N LYS A 210 -20.13 2.09 -14.17
CA LYS A 210 -21.38 1.97 -13.43
C LYS A 210 -21.47 3.28 -12.66
N GLU A 211 -22.68 3.79 -12.50
CA GLU A 211 -22.87 5.04 -11.79
C GLU A 211 -22.41 4.94 -10.35
N GLY A 212 -21.74 5.98 -9.87
CA GLY A 212 -21.27 6.03 -8.49
C GLY A 212 -19.94 5.33 -8.26
N LEU A 213 -19.39 4.71 -9.30
CA LEU A 213 -18.13 3.95 -9.20
C LEU A 213 -17.02 4.55 -10.07
N LEU A 214 -15.81 4.51 -9.54
CA LEU A 214 -14.64 5.11 -10.15
C LEU A 214 -13.79 4.09 -10.91
N GLN A 215 -13.23 4.53 -12.04
CA GLN A 215 -12.18 3.79 -12.73
C GLN A 215 -11.19 4.83 -13.20
N LEU A 216 -9.93 4.70 -12.80
CA LEU A 216 -8.88 5.62 -13.27
C LEU A 216 -8.40 5.11 -14.62
N PRO A 217 -7.78 5.99 -15.47
CA PRO A 217 -7.10 5.47 -16.67
C PRO A 217 -6.08 4.36 -16.36
N SER A 218 -5.30 4.52 -15.29
CA SER A 218 -4.36 3.50 -14.88
C SER A 218 -5.06 2.15 -14.59
N ASP A 219 -6.27 2.18 -14.01
CA ASP A 219 -7.04 0.95 -13.77
C ASP A 219 -7.41 0.31 -15.13
N LYS A 220 -7.86 1.15 -16.05
CA LYS A 220 -8.34 0.73 -17.37
C LYS A 220 -7.25 0.12 -18.25
N ALA A 221 -6.04 0.65 -18.09
CA ALA A 221 -4.85 0.19 -18.81
C ALA A 221 -4.57 -1.29 -18.57
N LEU A 222 -5.13 -1.83 -17.48
CA LEU A 222 -4.91 -3.23 -17.14
C LEU A 222 -5.72 -4.13 -18.04
N LEU A 223 -6.83 -3.61 -18.56
CA LEU A 223 -7.73 -4.39 -19.40
C LEU A 223 -7.19 -4.66 -20.81
N SER A 224 -6.34 -3.76 -21.28
CA SER A 224 -5.90 -3.77 -22.66
C SER A 224 -4.47 -4.34 -22.86
N ASP A 225 -3.81 -4.66 -21.75
CA ASP A 225 -2.46 -5.19 -21.83
C ASP A 225 -2.57 -6.70 -21.91
N PRO A 226 -1.83 -7.33 -22.87
CA PRO A 226 -1.86 -8.78 -23.06
C PRO A 226 -1.44 -9.62 -21.85
N VAL A 227 -0.58 -9.07 -21.00
CA VAL A 227 -0.16 -9.71 -19.75
C VAL A 227 -1.06 -9.33 -18.54
N PHE A 228 -1.37 -8.04 -18.36
CA PHE A 228 -2.24 -7.63 -17.24
C PHE A 228 -3.65 -8.19 -17.36
N ARG A 229 -4.19 -8.20 -18.57
CA ARG A 229 -5.58 -8.63 -18.72
C ARG A 229 -5.92 -10.05 -18.20
N PRO A 230 -5.16 -11.10 -18.60
CA PRO A 230 -5.45 -12.44 -18.02
C PRO A 230 -5.37 -12.49 -16.49
N LEU A 231 -4.54 -11.65 -15.89
CA LEU A 231 -4.47 -11.59 -14.43
C LEU A 231 -5.73 -10.98 -13.86
N VAL A 232 -6.17 -9.86 -14.43
CA VAL A 232 -7.46 -9.26 -14.08
C VAL A 232 -8.60 -10.30 -14.12
N ASP A 233 -8.61 -11.09 -15.19
CA ASP A 233 -9.62 -12.13 -15.43
C ASP A 233 -9.53 -13.22 -14.38
N LYS A 234 -8.32 -13.65 -14.08
CA LYS A 234 -8.10 -14.69 -13.07
C LYS A 234 -8.59 -14.21 -11.69
N TYR A 235 -8.24 -12.97 -11.33
CA TYR A 235 -8.60 -12.42 -10.02
C TYR A 235 -10.12 -12.20 -9.92
N ALA A 236 -10.74 -11.65 -10.97
CA ALA A 236 -12.21 -11.55 -11.03
C ALA A 236 -12.94 -12.90 -10.84
N ALA A 237 -12.32 -13.97 -11.30
CA ALA A 237 -12.89 -15.34 -11.21
C ALA A 237 -12.58 -16.08 -9.89
N ASP A 238 -11.48 -15.75 -9.24
CA ASP A 238 -10.98 -16.57 -8.17
C ASP A 238 -10.34 -15.62 -7.12
N GLU A 239 -11.15 -15.21 -6.15
CA GLU A 239 -10.73 -14.37 -5.05
C GLU A 239 -9.58 -15.00 -4.24
N ASP A 240 -9.60 -16.32 -4.07
CA ASP A 240 -8.51 -17.01 -3.40
C ASP A 240 -7.17 -16.77 -4.07
N ALA A 241 -7.15 -16.84 -5.41
CA ALA A 241 -5.92 -16.57 -6.16
C ALA A 241 -5.53 -15.10 -6.08
N PHE A 242 -6.51 -14.19 -6.11
CA PHE A 242 -6.23 -12.78 -5.82
C PHE A 242 -5.60 -12.55 -4.43
N PHE A 243 -6.15 -13.17 -3.38
CA PHE A 243 -5.64 -12.99 -2.00
C PHE A 243 -4.21 -13.49 -1.88
N ALA A 244 -3.90 -14.58 -2.58
CA ALA A 244 -2.56 -15.15 -2.53
C ALA A 244 -1.53 -14.26 -3.19
N ASP A 245 -1.86 -13.81 -4.41
CA ASP A 245 -0.95 -12.99 -5.16
C ASP A 245 -0.86 -11.61 -4.49
N TYR A 246 -1.98 -11.18 -3.91
CA TYR A 246 -1.99 -9.89 -3.20
C TYR A 246 -1.06 -9.92 -1.98
N ALA A 247 -1.20 -10.94 -1.13
CA ALA A 247 -0.32 -11.06 0.03
C ALA A 247 1.16 -11.18 -0.32
N GLU A 248 1.45 -11.90 -1.40
CA GLU A 248 2.82 -11.97 -1.92
C GLU A 248 3.36 -10.59 -2.36
N ALA A 249 2.56 -9.85 -3.13
CA ALA A 249 2.98 -8.56 -3.63
C ALA A 249 3.09 -7.50 -2.54
N HIS A 250 2.11 -7.40 -1.65
CA HIS A 250 2.18 -6.48 -0.51
C HIS A 250 3.41 -6.75 0.36
N GLN A 251 3.64 -8.00 0.73
CA GLN A 251 4.85 -8.33 1.45
C GLN A 251 6.09 -7.76 0.76
N LYS A 252 6.22 -7.97 -0.55
CA LYS A 252 7.42 -7.52 -1.29
C LYS A 252 7.56 -6.01 -1.28
N LEU A 253 6.45 -5.36 -1.60
CA LEU A 253 6.35 -3.92 -1.54
C LEU A 253 6.80 -3.37 -0.18
N SER A 254 6.24 -3.90 0.91
CA SER A 254 6.54 -3.47 2.29
C SER A 254 8.00 -3.71 2.68
N GLU A 255 8.68 -4.55 1.90
CA GLU A 255 10.06 -4.94 2.20
C GLU A 255 11.10 -4.40 1.22
N LEU A 256 10.69 -3.61 0.25
CA LEU A 256 11.63 -3.03 -0.74
C LEU A 256 12.80 -2.32 -0.09
N GLY A 257 14.02 -2.70 -0.50
CA GLY A 257 15.24 -2.15 0.10
C GLY A 257 15.59 -2.58 1.51
N PHE A 258 14.78 -3.49 2.06
CA PHE A 258 14.89 -3.90 3.45
C PHE A 258 15.25 -5.37 3.52
N ALA A 259 16.28 -5.71 4.29
CA ALA A 259 16.65 -7.11 4.51
C ALA A 259 17.22 -7.80 3.25
N ASP A 260 17.96 -7.04 2.44
CA ASP A 260 18.77 -7.57 1.30
C ASP A 260 17.92 -7.81 0.05
N ALA A 261 16.98 -6.89 -0.20
CA ALA A 261 16.36 -6.70 -1.50
C ALA A 261 15.79 -5.27 -1.60
K K B . -14.50 -3.52 -1.74
CHA HEM C . -6.42 5.84 -3.85
CHB HEM C . -3.80 6.23 -7.94
CHC HEM C . -1.93 1.86 -7.04
CHD HEM C . -4.11 1.72 -2.71
C1A HEM C . -5.86 6.32 -5.02
C2A HEM C . -6.16 7.57 -5.66
C3A HEM C . -5.45 7.70 -6.78
C4A HEM C . -4.67 6.50 -6.93
CMA HEM C . -5.42 8.90 -7.79
CAA HEM C . -7.13 8.57 -5.02
CBA HEM C . -6.36 9.62 -4.22
CGA HEM C . -7.44 10.53 -3.69
O1A HEM C . -7.97 11.38 -4.42
O2A HEM C . -7.80 10.40 -2.51
C1B HEM C . -3.10 5.05 -8.10
C2B HEM C . -2.33 4.66 -9.27
C3B HEM C . -1.83 3.42 -9.04
C4B HEM C . -2.25 3.03 -7.70
CMB HEM C . -2.20 5.51 -10.53
CAB HEM C . -0.97 2.54 -9.96
CBB HEM C . -1.25 1.22 -10.09
C1C HEM C . -2.23 1.53 -5.76
C2C HEM C . -1.59 0.50 -4.97
C3C HEM C . -2.19 0.45 -3.75
C4C HEM C . -3.24 1.45 -3.75
CMC HEM C . -0.40 -0.31 -5.52
CAC HEM C . -1.90 -0.45 -2.53
CBC HEM C . -1.74 -1.78 -2.66
C1D HEM C . -5.03 2.74 -2.64
C2D HEM C . -6.09 2.87 -1.65
C3D HEM C . -6.82 4.17 -2.02
C4D HEM C . -6.13 4.67 -3.18
CMD HEM C . -6.41 1.90 -0.50
CAD HEM C . -8.03 4.82 -1.33
CBD HEM C . -7.50 5.92 -0.40
CGD HEM C . -8.66 6.46 0.41
O1D HEM C . -8.46 7.51 1.08
O2D HEM C . -9.76 5.81 0.43
NA HEM C . -4.96 5.68 -5.83
NB HEM C . -3.01 4.04 -7.17
NC HEM C . -3.22 2.08 -4.99
ND HEM C . -5.10 3.81 -3.51
FE HEM C . -4.07 3.90 -5.40
N NO D . -2.80 4.68 -4.61
O NO D . -2.46 5.74 -3.70
#